data_3IPA
#
_entry.id   3IPA
#
_cell.length_a   118.990
_cell.length_b   42.990
_cell.length_c   66.180
_cell.angle_alpha   90.00
_cell.angle_beta   109.63
_cell.angle_gamma   90.00
#
_symmetry.space_group_name_H-M   'C 1 2 1'
#
loop_
_entity.id
_entity.type
_entity.pdbx_description
1 polymer 'ABC transporter, substrate binding protein (Amino acid)'
2 non-polymer ALANINE
3 non-polymer 'SULFATE ION'
4 water water
#
_entity_poly.entity_id   1
_entity_poly.type   'polypeptide(L)'
_entity_poly.pdbx_seq_one_letter_code
;MDVVIAVGAPLTGPNAAFGAQIQKGAEQAAKDINAAGGINGEQIKIVLGDDVSDPKQGISVANKFVADGVKFVVGHFNSG
VSIPASEVYAENGILEITPAATNPVFTERGLWNTFRTCGRDDQQGGIAGKYLADHFKDAKVAIIHDKTPYGQGLADETKK
AANAAGVTEVMYEGVNVGDKDFSALISKMKEAGVSIIYWGGLHTEAGLIIRQAADQGLKAKLVSGDGIVSNELASIAGDA
VEGTLNTFGPDPTLRPENKELVEKFKAAGFNPEAYTLYSYAAMQAIAGAAKAAGSVEPEKVAEALKKGSFPTALGEISFD
EKGDPKLPGYVMYEWKKGPDGKFTYIQQGSHHHHHH
;
_entity_poly.pdbx_strand_id   A
#
loop_
_chem_comp.id
_chem_comp.type
_chem_comp.name
_chem_comp.formula
SO4 non-polymer 'SULFATE ION' 'O4 S -2'
#
# COMPACT_ATOMS: atom_id res chain seq x y z
N MET A 1 -27.74 1.25 16.72
CA MET A 1 -27.62 1.56 15.30
C MET A 1 -26.28 1.10 14.77
N ASP A 2 -26.30 0.41 13.63
CA ASP A 2 -25.07 -0.13 13.05
C ASP A 2 -24.07 0.96 12.77
N VAL A 3 -22.79 0.67 12.98
CA VAL A 3 -21.73 1.59 12.61
C VAL A 3 -21.36 1.31 11.16
N VAL A 4 -21.62 2.28 10.29
CA VAL A 4 -21.38 2.09 8.85
C VAL A 4 -19.95 2.42 8.50
N ILE A 5 -19.23 1.40 8.05
CA ILE A 5 -17.82 1.55 7.69
C ILE A 5 -17.67 1.10 6.23
N ALA A 6 -17.07 1.96 5.43
CA ALA A 6 -16.91 1.70 4.01
C ALA A 6 -15.50 1.20 3.69
N VAL A 7 -15.43 0.34 2.69
CA VAL A 7 -14.16 -0.02 2.06
C VAL A 7 -14.10 0.71 0.73
N GLY A 8 -13.18 1.66 0.63
CA GLY A 8 -12.93 2.38 -0.60
C GLY A 8 -11.67 1.81 -1.20
N ALA A 9 -11.80 1.21 -2.38
CA ALA A 9 -10.67 0.47 -2.91
C ALA A 9 -10.82 0.21 -4.40
N PRO A 10 -9.72 -0.18 -5.07
CA PRO A 10 -9.78 -0.56 -6.48
C PRO A 10 -10.28 -1.98 -6.62
N LEU A 11 -11.61 -2.15 -6.59
CA LEU A 11 -12.20 -3.49 -6.67
C LEU A 11 -12.13 -4.02 -8.09
N THR A 12 -12.07 -3.12 -9.06
CA THR A 12 -11.81 -3.50 -10.44
C THR A 12 -10.68 -2.63 -10.98
N GLY A 13 -10.26 -2.88 -12.22
CA GLY A 13 -9.17 -2.13 -12.80
C GLY A 13 -7.84 -2.80 -12.56
N PRO A 14 -6.74 -2.13 -12.93
CA PRO A 14 -5.42 -2.77 -12.89
C PRO A 14 -5.01 -3.24 -11.51
N ASN A 15 -5.53 -2.61 -10.46
CA ASN A 15 -5.14 -2.95 -9.10
C ASN A 15 -6.19 -3.73 -8.33
N ALA A 16 -7.04 -4.44 -9.05
CA ALA A 16 -8.09 -5.25 -8.46
C ALA A 16 -7.55 -6.21 -7.39
N ALA A 17 -6.36 -6.75 -7.60
CA ALA A 17 -5.81 -7.71 -6.64
C ALA A 17 -5.59 -7.04 -5.29
N PHE A 18 -5.18 -5.78 -5.32
CA PHE A 18 -4.97 -5.02 -4.10
C PHE A 18 -6.32 -4.62 -3.50
N GLY A 19 -7.29 -4.35 -4.37
CA GLY A 19 -8.65 -4.08 -3.92
C GLY A 19 -9.18 -5.26 -3.12
N ALA A 20 -8.90 -6.46 -3.59
CA ALA A 20 -9.31 -7.69 -2.90
C ALA A 20 -8.59 -7.84 -1.56
N GLN A 21 -7.29 -7.57 -1.54
CA GLN A 21 -6.57 -7.60 -0.27
C GLN A 21 -7.29 -6.71 0.74
N ILE A 22 -7.57 -5.48 0.34
CA ILE A 22 -8.17 -4.51 1.25
C ILE A 22 -9.60 -4.91 1.65
N GLN A 23 -10.40 -5.31 0.66
CA GLN A 23 -11.77 -5.72 0.92
C GLN A 23 -11.83 -6.94 1.83
N LYS A 24 -11.06 -7.98 1.50
CA LYS A 24 -11.11 -9.22 2.27
C LYS A 24 -10.66 -8.98 3.70
N GLY A 25 -9.62 -8.16 3.86
CA GLY A 25 -9.07 -7.88 5.18
C GLY A 25 -10.06 -7.14 6.05
N ALA A 26 -10.69 -6.12 5.48
CA ALA A 26 -11.64 -5.31 6.25
C ALA A 26 -12.90 -6.09 6.56
N GLU A 27 -13.38 -6.87 5.59
CA GLU A 27 -14.58 -7.67 5.79
C GLU A 27 -14.41 -8.71 6.90
N GLN A 28 -13.26 -9.40 6.91
CA GLN A 28 -13.00 -10.40 7.94
C GLN A 28 -12.88 -9.74 9.31
N ALA A 29 -12.23 -8.58 9.38
CA ALA A 29 -12.13 -7.88 10.65
C ALA A 29 -13.52 -7.48 11.16
N ALA A 30 -14.38 -7.01 10.26
CA ALA A 30 -15.72 -6.62 10.65
C ALA A 30 -16.48 -7.82 11.20
N LYS A 31 -16.33 -8.95 10.54
CA LYS A 31 -16.98 -10.17 11.00
C LYS A 31 -16.48 -10.54 12.39
N ASP A 32 -15.16 -10.52 12.57
CA ASP A 32 -14.56 -10.89 13.84
C ASP A 32 -14.96 -9.94 14.97
N ILE A 33 -14.95 -8.63 14.68
CA ILE A 33 -15.32 -7.65 15.68
C ILE A 33 -16.80 -7.78 16.04
N ASN A 34 -17.64 -7.99 15.03
CA ASN A 34 -19.06 -8.20 15.25
C ASN A 34 -19.33 -9.44 16.11
N ALA A 35 -18.55 -10.50 15.88
CA ALA A 35 -18.72 -11.74 16.63
C ALA A 35 -18.36 -11.54 18.10
N ALA A 36 -17.55 -10.52 18.36
CA ALA A 36 -17.11 -10.22 19.73
C ALA A 36 -17.96 -9.14 20.40
N GLY A 37 -19.04 -8.73 19.74
CA GLY A 37 -19.96 -7.78 20.32
C GLY A 37 -20.06 -6.45 19.59
N GLY A 38 -19.29 -6.31 18.51
CA GLY A 38 -19.31 -5.09 17.73
C GLY A 38 -18.43 -3.99 18.31
N ILE A 39 -18.66 -2.76 17.87
CA ILE A 39 -17.94 -1.62 18.42
C ILE A 39 -18.83 -0.90 19.40
N ASN A 40 -18.43 -0.89 20.67
CA ASN A 40 -19.25 -0.30 21.72
C ASN A 40 -20.69 -0.81 21.67
N GLY A 41 -20.82 -2.11 21.43
CA GLY A 41 -22.12 -2.76 21.45
C GLY A 41 -22.90 -2.69 20.15
N GLU A 42 -22.35 -1.99 19.16
CA GLU A 42 -23.01 -1.81 17.86
CA GLU A 42 -23.03 -1.85 17.89
C GLU A 42 -22.34 -2.61 16.77
N GLN A 43 -23.15 -3.30 15.95
CA GLN A 43 -22.63 -4.06 14.84
C GLN A 43 -22.08 -3.16 13.73
N ILE A 44 -21.01 -3.60 13.09
CA ILE A 44 -20.46 -2.91 11.93
C ILE A 44 -21.24 -3.34 10.69
N LYS A 45 -21.58 -2.37 9.85
CA LYS A 45 -22.17 -2.65 8.55
C LYS A 45 -21.19 -2.16 7.49
N ILE A 46 -20.75 -3.07 6.64
CA ILE A 46 -19.78 -2.72 5.61
C ILE A 46 -20.48 -2.31 4.31
N VAL A 47 -20.02 -1.20 3.74
CA VAL A 47 -20.41 -0.84 2.38
C VAL A 47 -19.16 -0.78 1.52
N LEU A 48 -19.30 -1.10 0.24
CA LEU A 48 -18.16 -1.14 -0.67
C LEU A 48 -18.24 -0.03 -1.70
N GLY A 49 -17.08 0.48 -2.11
CA GLY A 49 -17.01 1.46 -3.17
C GLY A 49 -15.80 1.19 -4.03
N ASP A 50 -16.01 1.04 -5.34
CA ASP A 50 -14.96 0.70 -6.28
C ASP A 50 -14.43 1.95 -6.96
N ASP A 51 -13.19 2.33 -6.63
CA ASP A 51 -12.59 3.53 -7.21
C ASP A 51 -11.86 3.29 -8.53
N VAL A 52 -11.65 2.04 -8.91
CA VAL A 52 -10.99 1.70 -10.19
C VAL A 52 -9.64 2.41 -10.35
N SER A 53 -9.00 2.72 -9.23
CA SER A 53 -7.73 3.45 -9.23
C SER A 53 -7.80 4.73 -10.06
N ASP A 54 -8.98 5.33 -10.08
CA ASP A 54 -9.23 6.53 -10.89
C ASP A 54 -9.70 7.61 -9.94
N PRO A 55 -8.91 8.67 -9.77
CA PRO A 55 -9.29 9.73 -8.83
C PRO A 55 -10.71 10.24 -9.08
N LYS A 56 -11.13 10.33 -10.34
CA LYS A 56 -12.46 10.81 -10.65
C LYS A 56 -13.53 9.86 -10.12
N GLN A 57 -13.29 8.57 -10.26
CA GLN A 57 -14.26 7.59 -9.79
C GLN A 57 -14.20 7.44 -8.27
N GLY A 58 -13.02 7.68 -7.71
CA GLY A 58 -12.86 7.73 -6.26
C GLY A 58 -13.70 8.84 -5.65
N ILE A 59 -13.77 9.98 -6.33
CA ILE A 59 -14.59 11.08 -5.84
C ILE A 59 -16.07 10.73 -5.87
N SER A 60 -16.52 10.02 -6.90
CA SER A 60 -17.92 9.59 -6.94
C SER A 60 -18.20 8.61 -5.81
N VAL A 61 -17.28 7.67 -5.61
CA VAL A 61 -17.36 6.75 -4.48
C VAL A 61 -17.49 7.49 -3.16
N ALA A 62 -16.61 8.48 -2.94
CA ALA A 62 -16.63 9.27 -1.72
C ALA A 62 -18.00 9.91 -1.50
N ASN A 63 -18.58 10.43 -2.57
CA ASN A 63 -19.92 11.01 -2.50
C ASN A 63 -21.00 9.99 -2.11
N LYS A 64 -20.94 8.83 -2.74
CA LYS A 64 -21.84 7.73 -2.40
C LYS A 64 -21.74 7.38 -0.91
N PHE A 65 -20.51 7.32 -0.41
CA PHE A 65 -20.29 7.01 1.00
C PHE A 65 -20.95 8.06 1.90
N VAL A 66 -20.75 9.34 1.59
CA VAL A 66 -21.38 10.38 2.38
C VAL A 66 -22.90 10.20 2.42
N ALA A 67 -23.49 10.00 1.26
CA ALA A 67 -24.94 9.83 1.13
C ALA A 67 -25.47 8.63 1.93
N ASP A 68 -24.68 7.56 1.98
CA ASP A 68 -25.08 6.32 2.64
C ASP A 68 -24.83 6.34 4.16
N GLY A 69 -24.38 7.48 4.67
CA GLY A 69 -24.21 7.65 6.10
C GLY A 69 -22.97 6.95 6.62
N VAL A 70 -22.00 6.74 5.74
CA VAL A 70 -20.72 6.18 6.16
C VAL A 70 -20.07 7.07 7.22
N LYS A 71 -19.44 6.45 8.23
CA LYS A 71 -18.76 7.18 9.29
C LYS A 71 -17.24 7.01 9.25
N PHE A 72 -16.81 5.85 8.76
CA PHE A 72 -15.39 5.52 8.66
C PHE A 72 -15.12 4.88 7.32
N VAL A 73 -13.99 5.22 6.72
CA VAL A 73 -13.55 4.62 5.49
C VAL A 73 -12.20 3.93 5.69
N VAL A 74 -12.15 2.64 5.38
CA VAL A 74 -10.87 1.95 5.26
C VAL A 74 -10.49 1.98 3.78
N GLY A 75 -9.41 2.70 3.49
CA GLY A 75 -9.02 2.93 2.10
C GLY A 75 -8.46 4.34 1.94
N HIS A 76 -8.10 4.70 0.72
CA HIS A 76 -8.17 3.82 -0.43
C HIS A 76 -6.79 3.18 -0.65
N PHE A 77 -6.52 2.70 -1.86
CA PHE A 77 -5.22 2.09 -2.14
C PHE A 77 -4.24 3.10 -2.73
N ASN A 78 -4.68 3.80 -3.77
CA ASN A 78 -3.85 4.76 -4.47
C ASN A 78 -3.84 6.09 -3.75
N SER A 79 -2.65 6.69 -3.63
CA SER A 79 -2.53 8.01 -3.01
C SER A 79 -3.31 9.07 -3.80
N GLY A 80 -3.29 8.97 -5.12
CA GLY A 80 -3.97 9.93 -5.97
C GLY A 80 -5.48 9.84 -5.86
N VAL A 81 -5.97 8.71 -5.37
CA VAL A 81 -7.39 8.58 -5.06
C VAL A 81 -7.68 9.05 -3.64
N SER A 82 -6.85 8.58 -2.70
CA SER A 82 -7.06 8.86 -1.28
C SER A 82 -6.94 10.34 -0.92
N ILE A 83 -6.01 11.05 -1.57
CA ILE A 83 -5.81 12.45 -1.22
C ILE A 83 -7.05 13.30 -1.54
N PRO A 84 -7.54 13.25 -2.78
CA PRO A 84 -8.79 13.99 -3.04
C PRO A 84 -9.99 13.47 -2.24
N ALA A 85 -10.14 12.15 -2.13
CA ALA A 85 -11.27 11.58 -1.41
C ALA A 85 -11.27 12.05 0.05
N SER A 86 -10.08 12.12 0.64
CA SER A 86 -9.96 12.48 2.06
C SER A 86 -10.51 13.88 2.36
N GLU A 87 -10.49 14.76 1.37
CA GLU A 87 -11.06 16.09 1.55
C GLU A 87 -12.57 16.04 1.64
N VAL A 88 -13.19 15.24 0.78
CA VAL A 88 -14.62 15.00 0.87
C VAL A 88 -14.98 14.44 2.25
N TYR A 89 -14.21 13.45 2.71
CA TYR A 89 -14.47 12.85 4.01
C TYR A 89 -14.27 13.88 5.14
N ALA A 90 -13.21 14.67 5.04
CA ALA A 90 -12.87 15.62 6.09
C ALA A 90 -13.93 16.70 6.23
N GLU A 91 -14.61 16.99 5.13
CA GLU A 91 -15.62 18.03 5.11
C GLU A 91 -17.01 17.51 5.46
N ASN A 92 -17.12 16.20 5.65
CA ASN A 92 -18.40 15.56 5.88
C ASN A 92 -18.37 14.53 7.01
N GLY A 93 -17.52 14.78 8.01
CA GLY A 93 -17.55 14.04 9.26
C GLY A 93 -17.14 12.58 9.15
N ILE A 94 -16.26 12.26 8.20
CA ILE A 94 -15.84 10.88 7.99
C ILE A 94 -14.34 10.70 8.24
N LEU A 95 -14.00 9.72 9.08
CA LEU A 95 -12.60 9.41 9.36
C LEU A 95 -12.10 8.39 8.33
N GLU A 96 -10.94 8.68 7.74
CA GLU A 96 -10.37 7.76 6.75
C GLU A 96 -9.05 7.20 7.24
N ILE A 97 -8.97 5.87 7.30
CA ILE A 97 -7.71 5.23 7.63
C ILE A 97 -7.29 4.37 6.45
N THR A 98 -6.21 4.76 5.78
CA THR A 98 -5.76 4.01 4.63
C THR A 98 -4.79 2.91 5.03
N PRO A 99 -4.95 1.72 4.45
CA PRO A 99 -4.01 0.64 4.74
C PRO A 99 -2.83 0.63 3.78
N ALA A 100 -2.81 1.49 2.78
CA ALA A 100 -1.84 1.34 1.69
C ALA A 100 -1.35 2.61 0.99
N ALA A 101 -2.05 3.73 1.16
CA ALA A 101 -1.62 4.96 0.50
C ALA A 101 -0.46 5.58 1.26
N THR A 102 0.66 5.79 0.56
CA THR A 102 1.92 6.07 1.21
C THR A 102 2.50 7.45 0.93
N ASN A 103 1.88 8.21 0.03
CA ASN A 103 2.42 9.53 -0.26
C ASN A 103 2.32 10.45 0.95
N PRO A 104 3.43 11.12 1.31
CA PRO A 104 3.44 11.96 2.51
C PRO A 104 2.29 12.98 2.56
N VAL A 105 1.89 13.50 1.42
CA VAL A 105 0.87 14.56 1.37
C VAL A 105 -0.41 14.15 2.09
N PHE A 106 -0.74 12.86 2.08
CA PHE A 106 -1.97 12.37 2.69
C PHE A 106 -2.15 12.79 4.15
N THR A 107 -1.06 12.84 4.91
CA THR A 107 -1.14 13.22 6.33
C THR A 107 -0.45 14.55 6.62
N GLU A 108 -0.16 15.33 5.59
CA GLU A 108 0.59 16.58 5.76
C GLU A 108 -0.23 17.81 5.39
N ARG A 109 -1.55 17.69 5.46
CA ARG A 109 -2.43 18.79 5.09
C ARG A 109 -3.21 19.35 6.29
N GLY A 110 -2.94 18.81 7.47
CA GLY A 110 -3.57 19.30 8.69
C GLY A 110 -5.04 18.91 8.79
N LEU A 111 -5.41 17.83 8.13
CA LEU A 111 -6.77 17.31 8.22
C LEU A 111 -6.96 16.47 9.48
N TRP A 112 -8.10 16.65 10.13
CA TRP A 112 -8.39 15.95 11.38
C TRP A 112 -8.60 14.45 11.18
N ASN A 113 -8.94 14.06 9.95
CA ASN A 113 -9.52 12.75 9.71
C ASN A 113 -8.62 11.70 9.06
N THR A 114 -7.39 12.07 8.72
CA THR A 114 -6.52 11.17 7.95
C THR A 114 -5.56 10.34 8.81
N PHE A 115 -5.63 9.03 8.62
CA PHE A 115 -4.76 8.09 9.33
C PHE A 115 -4.27 7.00 8.37
N ARG A 116 -3.21 6.30 8.76
CA ARG A 116 -2.76 5.13 8.00
C ARG A 116 -2.35 3.99 8.92
N THR A 117 -2.36 2.77 8.39
CA THR A 117 -1.67 1.66 9.05
C THR A 117 -0.38 1.29 8.31
N CYS A 118 -0.16 1.96 7.18
CA CYS A 118 1.05 1.76 6.38
C CYS A 118 2.02 2.91 6.60
N GLY A 119 3.22 2.78 6.06
CA GLY A 119 4.23 3.81 6.15
C GLY A 119 4.06 4.89 5.12
N ARG A 120 5.09 5.71 4.94
CA ARG A 120 5.05 6.80 3.97
C ARG A 120 6.34 6.85 3.17
N ASP A 121 6.28 7.50 2.02
CA ASP A 121 7.32 7.31 1.01
C ASP A 121 8.61 8.09 1.25
N ASP A 122 8.59 9.05 2.16
CA ASP A 122 9.86 9.63 2.58
C ASP A 122 10.65 8.61 3.41
N GLN A 123 9.94 7.83 4.22
CA GLN A 123 10.55 6.71 4.94
C GLN A 123 11.03 5.64 3.95
N GLN A 124 10.13 5.27 3.04
CA GLN A 124 10.41 4.19 2.09
C GLN A 124 11.57 4.53 1.16
N GLY A 125 11.56 5.74 0.61
CA GLY A 125 12.61 6.15 -0.30
C GLY A 125 13.96 6.27 0.39
N GLY A 126 13.94 6.62 1.68
CA GLY A 126 15.15 6.71 2.46
C GLY A 126 15.81 5.34 2.54
N ILE A 127 15.02 4.33 2.83
CA ILE A 127 15.51 2.96 2.90
C ILE A 127 15.98 2.48 1.53
N ALA A 128 15.20 2.74 0.50
CA ALA A 128 15.53 2.28 -0.84
C ALA A 128 16.80 2.92 -1.38
N GLY A 129 16.91 4.24 -1.24
CA GLY A 129 18.06 4.97 -1.73
C GLY A 129 19.34 4.51 -1.05
N LYS A 130 19.27 4.31 0.25
CA LYS A 130 20.42 3.83 1.00
C LYS A 130 20.79 2.41 0.56
N TYR A 131 19.78 1.61 0.26
CA TYR A 131 20.02 0.24 -0.20
C TYR A 131 20.77 0.26 -1.53
N LEU A 132 20.33 1.13 -2.45
CA LEU A 132 21.00 1.24 -3.74
C LEU A 132 22.48 1.54 -3.57
N ALA A 133 22.80 2.48 -2.68
CA ALA A 133 24.19 2.86 -2.42
C ALA A 133 24.98 1.75 -1.74
N ASP A 134 24.35 1.03 -0.82
CA ASP A 134 25.04 -0.01 -0.08
C ASP A 134 25.38 -1.23 -0.94
N HIS A 135 24.47 -1.56 -1.85
CA HIS A 135 24.60 -2.81 -2.61
C HIS A 135 24.95 -2.63 -4.09
N PHE A 136 24.67 -1.46 -4.64
CA PHE A 136 24.92 -1.22 -6.06
C PHE A 136 25.66 0.10 -6.26
N LYS A 137 26.63 0.37 -5.39
CA LYS A 137 27.33 1.65 -5.38
C LYS A 137 27.86 2.07 -6.76
N ASP A 138 28.32 1.11 -7.55
CA ASP A 138 28.96 1.42 -8.82
C ASP A 138 28.07 1.19 -10.04
N ALA A 139 26.83 0.77 -9.78
CA ALA A 139 25.92 0.42 -10.87
C ALA A 139 25.39 1.64 -11.61
N LYS A 140 25.08 1.45 -12.90
CA LYS A 140 24.39 2.48 -13.65
C LYS A 140 22.90 2.30 -13.41
N VAL A 141 22.29 3.28 -12.76
CA VAL A 141 20.90 3.16 -12.31
C VAL A 141 19.98 4.05 -13.14
N ALA A 142 18.85 3.49 -13.55
CA ALA A 142 17.79 4.28 -14.18
C ALA A 142 16.64 4.43 -13.20
N ILE A 143 16.24 5.66 -12.95
CA ILE A 143 15.08 5.90 -12.09
C ILE A 143 13.88 6.21 -12.97
N ILE A 144 12.89 5.31 -12.94
CA ILE A 144 11.73 5.43 -13.81
C ILE A 144 10.50 5.51 -12.91
N HIS A 145 9.56 6.38 -13.25
CA HIS A 145 8.35 6.53 -12.44
C HIS A 145 7.12 6.58 -13.33
N ASP A 146 5.94 6.47 -12.72
CA ASP A 146 4.70 6.36 -13.47
C ASP A 146 3.91 7.66 -13.57
N LYS A 147 4.58 8.78 -13.31
CA LYS A 147 3.98 10.10 -13.47
C LYS A 147 2.74 10.32 -12.60
N THR A 148 2.64 9.62 -11.49
CA THR A 148 1.57 9.87 -10.53
C THR A 148 2.17 10.44 -9.26
N PRO A 149 1.34 11.06 -8.41
CA PRO A 149 1.83 11.57 -7.11
C PRO A 149 2.61 10.50 -6.38
N TYR A 150 2.04 9.30 -6.31
CA TYR A 150 2.69 8.20 -5.64
C TYR A 150 4.00 7.83 -6.30
N GLY A 151 3.94 7.51 -7.59
CA GLY A 151 5.10 6.93 -8.27
C GLY A 151 6.28 7.87 -8.36
N GLN A 152 6.02 9.10 -8.82
CA GLN A 152 7.09 10.07 -8.95
C GLN A 152 7.57 10.51 -7.57
N GLY A 153 6.65 10.61 -6.62
CA GLY A 153 7.01 10.96 -5.26
C GLY A 153 8.00 9.98 -4.65
N LEU A 154 7.72 8.68 -4.82
CA LEU A 154 8.60 7.64 -4.31
C LEU A 154 9.93 7.63 -5.04
N ALA A 155 9.90 7.76 -6.36
CA ALA A 155 11.12 7.84 -7.15
C ALA A 155 11.98 9.01 -6.69
N ASP A 156 11.34 10.15 -6.42
CA ASP A 156 12.07 11.35 -6.02
C ASP A 156 12.68 11.21 -4.63
N GLU A 157 11.95 10.58 -3.71
CA GLU A 157 12.51 10.36 -2.38
C GLU A 157 13.69 9.40 -2.45
N THR A 158 13.55 8.36 -3.26
CA THR A 158 14.64 7.40 -3.45
C THR A 158 15.84 8.07 -4.11
N LYS A 159 15.58 8.87 -5.14
CA LYS A 159 16.64 9.62 -5.82
C LYS A 159 17.42 10.48 -4.83
N LYS A 160 16.69 11.24 -4.02
CA LYS A 160 17.30 12.12 -3.03
C LYS A 160 18.23 11.35 -2.09
N ALA A 161 17.74 10.24 -1.55
CA ALA A 161 18.53 9.41 -0.64
C ALA A 161 19.72 8.74 -1.34
N ALA A 162 19.49 8.20 -2.53
CA ALA A 162 20.56 7.55 -3.27
C ALA A 162 21.65 8.57 -3.62
N ASN A 163 21.23 9.73 -4.10
CA ASN A 163 22.16 10.79 -4.45
C ASN A 163 23.03 11.18 -3.26
N ALA A 164 22.41 11.31 -2.10
CA ALA A 164 23.12 11.70 -0.88
C ALA A 164 24.11 10.63 -0.45
N ALA A 165 23.84 9.39 -0.83
CA ALA A 165 24.69 8.27 -0.44
C ALA A 165 25.71 7.90 -1.51
N GLY A 166 25.79 8.71 -2.56
CA GLY A 166 26.84 8.55 -3.55
C GLY A 166 26.46 7.87 -4.86
N VAL A 167 25.17 7.58 -5.04
CA VAL A 167 24.71 7.03 -6.31
C VAL A 167 24.00 8.08 -7.15
N THR A 168 24.59 8.37 -8.31
CA THR A 168 23.98 9.30 -9.26
C THR A 168 23.41 8.52 -10.44
N GLU A 169 22.09 8.57 -10.61
CA GLU A 169 21.43 7.83 -11.68
C GLU A 169 21.88 8.34 -13.04
N VAL A 170 21.86 7.46 -14.04
CA VAL A 170 22.23 7.86 -15.39
C VAL A 170 20.99 8.21 -16.21
N MET A 171 19.82 7.84 -15.69
CA MET A 171 18.55 8.14 -16.35
C MET A 171 17.46 8.45 -15.34
N TYR A 172 16.58 9.37 -15.70
CA TYR A 172 15.40 9.68 -14.89
C TYR A 172 14.27 9.96 -15.87
N GLU A 173 13.27 9.08 -15.89
CA GLU A 173 12.24 9.13 -16.91
C GLU A 173 10.86 8.85 -16.32
N GLY A 174 9.84 9.46 -16.91
CA GLY A 174 8.48 9.15 -16.55
C GLY A 174 7.77 8.40 -17.66
N VAL A 175 6.88 7.49 -17.28
CA VAL A 175 6.02 6.81 -18.23
C VAL A 175 4.58 6.95 -17.75
N ASN A 176 3.64 6.79 -18.66
CA ASN A 176 2.23 6.94 -18.33
C ASN A 176 1.61 5.64 -17.85
N VAL A 177 0.84 5.72 -16.78
CA VAL A 177 0.07 4.57 -16.34
C VAL A 177 -0.83 4.15 -17.49
N GLY A 178 -0.84 2.86 -17.79
CA GLY A 178 -1.66 2.36 -18.88
C GLY A 178 -0.88 2.11 -20.15
N ASP A 179 0.29 2.72 -20.27
CA ASP A 179 1.16 2.43 -21.39
C ASP A 179 1.80 1.05 -21.22
N LYS A 180 1.98 0.33 -22.31
CA LYS A 180 2.39 -1.08 -22.20
C LYS A 180 3.56 -1.48 -23.08
N ASP A 181 3.95 -0.62 -24.01
CA ASP A 181 5.11 -0.90 -24.84
C ASP A 181 6.29 -0.10 -24.31
N PHE A 182 7.24 -0.79 -23.68
CA PHE A 182 8.40 -0.12 -23.09
C PHE A 182 9.67 -0.42 -23.88
N SER A 183 9.51 -0.85 -25.14
CA SER A 183 10.65 -1.22 -25.97
CA SER A 183 10.66 -1.23 -25.96
C SER A 183 11.67 -0.10 -26.10
N ALA A 184 11.19 1.10 -26.43
CA ALA A 184 12.09 2.23 -26.63
C ALA A 184 12.83 2.59 -25.35
N LEU A 185 12.11 2.64 -24.24
CA LEU A 185 12.74 2.95 -22.96
C LEU A 185 13.77 1.89 -22.59
N ILE A 186 13.42 0.62 -22.81
CA ILE A 186 14.33 -0.46 -22.48
C ILE A 186 15.57 -0.41 -23.37
N SER A 187 15.38 -0.10 -24.64
CA SER A 187 16.52 0.06 -25.54
C SER A 187 17.42 1.21 -25.08
N LYS A 188 16.80 2.31 -24.64
CA LYS A 188 17.55 3.46 -24.15
C LYS A 188 18.38 3.08 -22.92
N MET A 189 17.77 2.31 -22.01
CA MET A 189 18.48 1.85 -20.83
C MET A 189 19.63 0.90 -21.20
N LYS A 190 19.40 0.06 -22.21
CA LYS A 190 20.43 -0.84 -22.69
C LYS A 190 21.62 -0.06 -23.23
N GLU A 191 21.33 0.92 -24.09
CA GLU A 191 22.36 1.78 -24.64
C GLU A 191 23.16 2.49 -23.56
N ALA A 192 22.49 2.77 -22.45
CA ALA A 192 23.10 3.53 -21.36
C ALA A 192 23.86 2.61 -20.40
N GLY A 193 23.78 1.31 -20.63
CA GLY A 193 24.48 0.35 -19.80
C GLY A 193 23.82 0.16 -18.44
N VAL A 194 22.54 0.49 -18.34
CA VAL A 194 21.79 0.34 -17.10
C VAL A 194 21.77 -1.10 -16.59
N SER A 195 22.07 -1.28 -15.31
CA SER A 195 21.99 -2.61 -14.70
C SER A 195 21.01 -2.65 -13.54
N ILE A 196 20.49 -1.49 -13.15
CA ILE A 196 19.49 -1.40 -12.10
C ILE A 196 18.39 -0.45 -12.52
N ILE A 197 17.14 -0.92 -12.44
CA ILE A 197 16.00 -0.07 -12.72
C ILE A 197 15.28 0.19 -11.41
N TYR A 198 15.29 1.43 -10.95
CA TYR A 198 14.43 1.75 -9.82
C TYR A 198 13.08 2.22 -10.34
N TRP A 199 12.03 1.53 -9.90
CA TRP A 199 10.70 1.79 -10.42
C TRP A 199 9.78 2.42 -9.38
N GLY A 200 9.35 3.65 -9.64
CA GLY A 200 8.39 4.30 -8.78
C GLY A 200 6.99 4.15 -9.37
N GLY A 201 6.28 3.14 -8.91
CA GLY A 201 4.97 2.84 -9.45
C GLY A 201 4.44 1.51 -8.98
N LEU A 202 3.47 0.99 -9.73
CA LEU A 202 2.73 -0.19 -9.30
C LEU A 202 3.12 -1.45 -10.09
N HIS A 203 2.43 -2.55 -9.80
CA HIS A 203 2.86 -3.86 -10.30
C HIS A 203 2.62 -4.06 -11.79
N THR A 204 1.56 -3.46 -12.34
CA THR A 204 1.24 -3.69 -13.75
C THR A 204 2.39 -3.26 -14.64
N GLU A 205 2.78 -1.99 -14.52
CA GLU A 205 3.89 -1.48 -15.31
C GLU A 205 5.21 -2.15 -14.93
N ALA A 206 5.42 -2.41 -13.64
CA ALA A 206 6.63 -3.11 -13.22
C ALA A 206 6.76 -4.48 -13.89
N GLY A 207 5.67 -5.24 -13.90
CA GLY A 207 5.69 -6.56 -14.50
C GLY A 207 5.96 -6.52 -16.00
N LEU A 208 5.39 -5.54 -16.67
CA LEU A 208 5.60 -5.37 -18.09
C LEU A 208 7.05 -5.03 -18.38
N ILE A 209 7.62 -4.13 -17.58
CA ILE A 209 9.02 -3.75 -17.72
C ILE A 209 9.95 -4.94 -17.50
N ILE A 210 9.70 -5.69 -16.43
CA ILE A 210 10.53 -6.86 -16.12
C ILE A 210 10.50 -7.85 -17.27
N ARG A 211 9.31 -8.16 -17.76
CA ARG A 211 9.16 -9.15 -18.81
C ARG A 211 9.81 -8.71 -20.10
N GLN A 212 9.55 -7.47 -20.50
CA GLN A 212 10.10 -6.93 -21.74
C GLN A 212 11.62 -6.75 -21.69
N ALA A 213 12.13 -6.39 -20.53
CA ALA A 213 13.57 -6.23 -20.38
C ALA A 213 14.26 -7.57 -20.62
N ALA A 214 13.72 -8.63 -20.04
CA ALA A 214 14.26 -9.96 -20.23
C ALA A 214 14.23 -10.35 -21.70
N ASP A 215 13.09 -10.10 -22.34
CA ASP A 215 12.91 -10.46 -23.75
C ASP A 215 13.87 -9.69 -24.66
N GLN A 216 14.13 -8.43 -24.33
CA GLN A 216 14.96 -7.57 -25.17
C GLN A 216 16.45 -7.68 -24.86
N GLY A 217 16.81 -8.49 -23.87
CA GLY A 217 18.21 -8.70 -23.53
C GLY A 217 18.82 -7.58 -22.71
N LEU A 218 18.01 -6.87 -21.95
CA LEU A 218 18.53 -5.90 -20.99
C LEU A 218 18.76 -6.60 -19.67
N LYS A 219 20.02 -6.81 -19.30
CA LYS A 219 20.32 -7.43 -18.02
C LYS A 219 20.27 -6.38 -16.90
N ALA A 220 19.08 -6.19 -16.35
CA ALA A 220 18.93 -5.22 -15.27
C ALA A 220 18.00 -5.76 -14.21
N LYS A 221 18.29 -5.45 -12.96
CA LYS A 221 17.46 -5.86 -11.84
C LYS A 221 16.49 -4.73 -11.55
N LEU A 222 15.21 -5.04 -11.44
CA LEU A 222 14.23 -4.02 -11.08
C LEU A 222 14.09 -3.95 -9.57
N VAL A 223 14.13 -2.72 -9.06
CA VAL A 223 13.95 -2.46 -7.65
C VAL A 223 12.78 -1.52 -7.52
N SER A 224 11.83 -1.83 -6.64
CA SER A 224 10.65 -0.99 -6.50
C SER A 224 10.22 -0.91 -5.05
N GLY A 225 8.97 -0.52 -4.84
CA GLY A 225 8.45 -0.32 -3.51
C GLY A 225 7.22 -1.14 -3.22
N ASP A 226 6.43 -0.64 -2.29
CA ASP A 226 5.28 -1.34 -1.75
C ASP A 226 4.21 -1.61 -2.80
N GLY A 227 4.31 -0.94 -3.94
CA GLY A 227 3.28 -1.04 -4.96
C GLY A 227 3.28 -2.34 -5.75
N ILE A 228 4.28 -3.19 -5.55
CA ILE A 228 4.38 -4.40 -6.37
C ILE A 228 4.14 -5.69 -5.59
N VAL A 229 3.67 -5.57 -4.35
CA VAL A 229 3.46 -6.76 -3.51
C VAL A 229 2.15 -7.49 -3.80
N SER A 230 2.08 -8.10 -4.98
CA SER A 230 0.96 -8.97 -5.33
C SER A 230 1.46 -10.11 -6.19
N ASN A 231 0.86 -11.28 -6.01
CA ASN A 231 1.13 -12.42 -6.89
C ASN A 231 0.99 -12.04 -8.36
N GLU A 232 0.13 -11.08 -8.65
CA GLU A 232 -0.09 -10.68 -10.05
C GLU A 232 1.17 -10.14 -10.72
N LEU A 233 2.11 -9.63 -9.92
CA LEU A 233 3.39 -9.20 -10.48
C LEU A 233 4.06 -10.38 -11.16
N ALA A 234 4.09 -11.52 -10.46
CA ALA A 234 4.69 -12.73 -11.00
C ALA A 234 3.92 -13.25 -12.22
N SER A 235 2.60 -13.11 -12.20
CA SER A 235 1.79 -13.59 -13.31
CA SER A 235 1.78 -13.58 -13.31
C SER A 235 2.09 -12.80 -14.59
N ILE A 236 2.30 -11.50 -14.45
CA ILE A 236 2.62 -10.67 -15.61
C ILE A 236 4.07 -10.88 -16.04
N ALA A 237 4.98 -10.86 -15.07
CA ALA A 237 6.41 -10.88 -15.38
C ALA A 237 6.93 -12.25 -15.79
N GLY A 238 6.28 -13.31 -15.30
CA GLY A 238 6.77 -14.65 -15.52
C GLY A 238 8.02 -14.93 -14.71
N ASP A 239 8.77 -15.95 -15.11
CA ASP A 239 9.98 -16.35 -14.38
C ASP A 239 11.01 -15.25 -14.27
N ALA A 240 10.92 -14.27 -15.16
CA ALA A 240 11.85 -13.14 -15.15
C ALA A 240 11.75 -12.32 -13.87
N VAL A 241 10.68 -12.51 -13.10
CA VAL A 241 10.50 -11.76 -11.86
C VAL A 241 11.57 -12.12 -10.82
N GLU A 242 12.16 -13.30 -10.93
CA GLU A 242 13.16 -13.73 -9.97
C GLU A 242 14.29 -12.72 -9.81
N GLY A 243 14.59 -12.34 -8.58
CA GLY A 243 15.68 -11.41 -8.32
C GLY A 243 15.21 -9.98 -8.15
N THR A 244 13.96 -9.72 -8.53
CA THR A 244 13.38 -8.40 -8.32
C THR A 244 13.44 -8.05 -6.83
N LEU A 245 13.72 -6.78 -6.53
CA LEU A 245 13.74 -6.31 -5.14
C LEU A 245 12.66 -5.27 -4.90
N ASN A 246 12.12 -5.23 -3.69
CA ASN A 246 11.21 -4.14 -3.33
C ASN A 246 11.11 -3.92 -1.83
N THR A 247 10.83 -2.68 -1.46
CA THR A 247 10.60 -2.37 -0.05
C THR A 247 9.14 -2.61 0.32
N PHE A 248 8.92 -3.00 1.56
CA PHE A 248 7.58 -3.17 2.11
C PHE A 248 7.76 -3.21 3.61
N GLY A 249 6.69 -2.97 4.36
CA GLY A 249 6.77 -3.09 5.81
C GLY A 249 6.94 -4.54 6.19
N PRO A 250 6.90 -4.82 7.49
CA PRO A 250 6.91 -6.22 7.94
C PRO A 250 5.78 -6.99 7.27
N ASP A 251 6.02 -8.27 7.00
CA ASP A 251 5.00 -9.13 6.42
C ASP A 251 4.16 -9.70 7.56
N PRO A 252 2.92 -9.20 7.71
CA PRO A 252 2.18 -9.60 8.89
C PRO A 252 1.69 -11.06 8.85
N THR A 253 1.68 -11.68 7.67
CA THR A 253 1.28 -13.08 7.59
C THR A 253 2.29 -13.98 8.32
N LEU A 254 3.46 -13.42 8.62
CA LEU A 254 4.52 -14.17 9.29
C LEU A 254 4.53 -14.01 10.81
N ARG A 255 3.68 -13.11 11.33
CA ARG A 255 3.59 -12.93 12.77
C ARG A 255 2.89 -14.12 13.38
N PRO A 256 3.50 -14.71 14.43
CA PRO A 256 2.97 -15.92 15.07
C PRO A 256 1.53 -15.74 15.53
N GLU A 257 1.20 -14.56 16.04
CA GLU A 257 -0.15 -14.32 16.55
C GLU A 257 -1.20 -14.35 15.44
N ASN A 258 -0.77 -14.29 14.19
CA ASN A 258 -1.71 -14.29 13.07
C ASN A 258 -1.90 -15.66 12.43
N LYS A 259 -1.32 -16.69 13.02
CA LYS A 259 -1.29 -18.01 12.39
C LYS A 259 -2.70 -18.50 12.08
N GLU A 260 -3.57 -18.46 13.08
CA GLU A 260 -4.94 -18.94 12.93
C GLU A 260 -5.74 -18.07 11.96
N LEU A 261 -5.55 -16.76 12.05
CA LEU A 261 -6.24 -15.82 11.17
C LEU A 261 -5.89 -16.09 9.71
N VAL A 262 -4.61 -16.30 9.44
CA VAL A 262 -4.17 -16.56 8.07
C VAL A 262 -4.76 -17.90 7.58
N GLU A 263 -4.77 -18.89 8.46
CA GLU A 263 -5.35 -20.19 8.11
C GLU A 263 -6.84 -20.06 7.76
N LYS A 264 -7.53 -19.18 8.48
CA LYS A 264 -8.95 -18.92 8.25
C LYS A 264 -9.21 -18.29 6.88
N PHE A 265 -8.39 -17.31 6.49
CA PHE A 265 -8.52 -16.72 5.16
C PHE A 265 -8.37 -17.80 4.10
N LYS A 266 -7.34 -18.64 4.24
CA LYS A 266 -7.09 -19.68 3.25
C LYS A 266 -8.24 -20.68 3.18
N ALA A 267 -8.86 -20.95 4.32
CA ALA A 267 -10.02 -21.86 4.36
C ALA A 267 -11.23 -21.21 3.67
N ALA A 268 -11.17 -19.89 3.50
CA ALA A 268 -12.24 -19.19 2.82
C ALA A 268 -11.87 -18.94 1.36
N GLY A 269 -10.73 -19.47 0.95
CA GLY A 269 -10.31 -19.39 -0.44
C GLY A 269 -9.52 -18.15 -0.80
N PHE A 270 -8.95 -17.47 0.20
CA PHE A 270 -8.19 -16.25 -0.06
C PHE A 270 -6.79 -16.28 0.54
N ASN A 271 -5.81 -15.86 -0.25
CA ASN A 271 -4.45 -15.71 0.24
C ASN A 271 -4.26 -14.30 0.77
N PRO A 272 -4.18 -14.15 2.10
CA PRO A 272 -4.22 -12.81 2.71
C PRO A 272 -2.87 -12.10 2.68
N GLU A 273 -2.26 -12.01 1.50
CA GLU A 273 -0.92 -11.45 1.38
C GLU A 273 -0.92 -9.93 1.51
N ALA A 274 0.27 -9.38 1.77
CA ALA A 274 0.53 -7.95 1.67
C ALA A 274 -0.42 -7.07 2.49
N TYR A 275 -1.23 -6.26 1.82
CA TYR A 275 -2.07 -5.29 2.53
C TYR A 275 -3.31 -5.88 3.20
N THR A 276 -3.55 -7.17 3.02
CA THR A 276 -4.76 -7.77 3.59
C THR A 276 -4.85 -7.52 5.09
N LEU A 277 -3.78 -7.81 5.80
CA LEU A 277 -3.76 -7.63 7.25
C LEU A 277 -3.54 -6.17 7.66
N TYR A 278 -3.05 -5.34 6.74
CA TYR A 278 -2.97 -3.90 6.99
C TYR A 278 -4.37 -3.31 7.00
N SER A 279 -5.26 -3.85 6.17
CA SER A 279 -6.66 -3.44 6.14
C SER A 279 -7.41 -3.99 7.35
N TYR A 280 -7.16 -5.26 7.67
CA TYR A 280 -7.71 -5.87 8.87
C TYR A 280 -7.36 -4.99 10.09
N ALA A 281 -6.09 -4.59 10.16
CA ALA A 281 -5.61 -3.79 11.28
C ALA A 281 -6.24 -2.40 11.35
N ALA A 282 -6.53 -1.81 10.19
CA ALA A 282 -7.20 -0.51 10.17
C ALA A 282 -8.57 -0.60 10.84
N MET A 283 -9.31 -1.68 10.55
CA MET A 283 -10.61 -1.89 11.19
C MET A 283 -10.42 -2.06 12.70
N GLN A 284 -9.41 -2.82 13.08
CA GLN A 284 -9.09 -3.01 14.49
C GLN A 284 -8.76 -1.69 15.19
N ALA A 285 -8.02 -0.81 14.51
CA ALA A 285 -7.66 0.49 15.09
C ALA A 285 -8.91 1.32 15.36
N ILE A 286 -9.83 1.35 14.40
CA ILE A 286 -11.10 2.05 14.60
C ILE A 286 -11.83 1.51 15.83
N ALA A 287 -11.95 0.19 15.90
CA ALA A 287 -12.65 -0.44 17.02
C ALA A 287 -11.99 -0.14 18.36
N GLY A 288 -10.67 -0.27 18.41
CA GLY A 288 -9.93 0.00 19.63
C GLY A 288 -10.05 1.45 20.09
N ALA A 289 -9.94 2.38 19.14
CA ALA A 289 -10.05 3.80 19.48
C ALA A 289 -11.45 4.16 19.96
N ALA A 290 -12.47 3.61 19.32
CA ALA A 290 -13.84 3.87 19.74
C ALA A 290 -14.06 3.36 21.16
N LYS A 291 -13.46 2.22 21.48
CA LYS A 291 -13.58 1.64 22.81
C LYS A 291 -12.96 2.57 23.86
N ALA A 292 -11.79 3.11 23.52
CA ALA A 292 -11.07 4.05 24.39
C ALA A 292 -11.79 5.39 24.49
N ALA A 293 -12.43 5.81 23.40
CA ALA A 293 -13.12 7.10 23.37
C ALA A 293 -14.49 7.04 24.03
N GLY A 294 -15.03 5.84 24.18
CA GLY A 294 -16.39 5.69 24.66
C GLY A 294 -17.40 6.30 23.69
N SER A 295 -17.01 6.36 22.42
CA SER A 295 -17.84 6.99 21.39
C SER A 295 -17.49 6.42 20.02
N VAL A 296 -18.48 6.38 19.14
CA VAL A 296 -18.22 6.02 17.75
C VAL A 296 -18.29 7.23 16.83
N GLU A 297 -18.32 8.43 17.40
CA GLU A 297 -18.28 9.64 16.60
C GLU A 297 -16.89 9.77 16.00
N PRO A 298 -16.80 9.91 14.67
CA PRO A 298 -15.50 9.94 13.99
C PRO A 298 -14.52 10.96 14.58
N GLU A 299 -15.00 12.15 14.91
CA GLU A 299 -14.10 13.16 15.47
C GLU A 299 -13.52 12.72 16.81
N LYS A 300 -14.32 12.01 17.61
CA LYS A 300 -13.85 11.55 18.91
C LYS A 300 -12.95 10.34 18.78
N VAL A 301 -13.23 9.48 17.80
CA VAL A 301 -12.38 8.35 17.52
C VAL A 301 -11.02 8.84 17.03
N ALA A 302 -11.01 9.91 16.24
CA ALA A 302 -9.74 10.48 15.78
C ALA A 302 -8.86 10.94 16.94
N GLU A 303 -9.46 11.63 17.90
CA GLU A 303 -8.72 12.12 19.06
C GLU A 303 -8.16 10.94 19.86
N ALA A 304 -8.97 9.89 19.99
CA ALA A 304 -8.53 8.71 20.71
C ALA A 304 -7.38 7.99 20.01
N LEU A 305 -7.42 7.92 18.69
CA LEU A 305 -6.35 7.31 17.92
C LEU A 305 -5.00 7.98 18.20
N LYS A 306 -5.02 9.29 18.40
CA LYS A 306 -3.79 10.04 18.58
C LYS A 306 -3.30 10.02 20.03
N LYS A 307 -4.07 9.39 20.90
CA LYS A 307 -3.75 9.36 22.32
C LYS A 307 -3.21 8.01 22.77
N GLY A 308 -3.88 6.94 22.35
CA GLY A 308 -3.60 5.62 22.93
C GLY A 308 -2.93 4.60 22.04
N SER A 309 -2.88 3.37 22.54
CA SER A 309 -2.32 2.26 21.77
CA SER A 309 -2.31 2.25 21.80
C SER A 309 -3.35 1.14 21.69
N PHE A 310 -3.33 0.39 20.60
CA PHE A 310 -4.38 -0.60 20.35
C PHE A 310 -3.83 -1.87 19.73
N PRO A 311 -4.37 -3.01 20.15
CA PRO A 311 -3.92 -4.29 19.59
C PRO A 311 -4.38 -4.47 18.14
N THR A 312 -3.48 -4.89 17.26
CA THR A 312 -3.85 -5.19 15.88
C THR A 312 -3.03 -6.35 15.33
N ALA A 313 -3.41 -6.80 14.14
CA ALA A 313 -2.70 -7.86 13.44
C ALA A 313 -1.31 -7.41 13.01
N LEU A 314 -1.03 -6.11 13.10
CA LEU A 314 0.29 -5.60 12.78
C LEU A 314 1.15 -5.46 14.05
N GLY A 315 0.55 -5.80 15.18
CA GLY A 315 1.17 -5.51 16.46
C GLY A 315 0.49 -4.31 17.09
N GLU A 316 0.94 -3.92 18.27
CA GLU A 316 0.35 -2.79 18.97
C GLU A 316 0.56 -1.50 18.18
N ILE A 317 -0.54 -0.83 17.87
CA ILE A 317 -0.49 0.37 17.03
C ILE A 317 -0.76 1.64 17.83
N SER A 318 -0.08 2.71 17.45
CA SER A 318 -0.36 4.05 17.97
C SER A 318 -0.07 5.03 16.85
N PHE A 319 -0.45 6.29 17.05
CA PHE A 319 -0.41 7.26 15.97
C PHE A 319 0.18 8.59 16.42
N ASP A 320 0.94 9.23 15.53
CA ASP A 320 1.45 10.56 15.83
C ASP A 320 0.40 11.62 15.54
N GLU A 321 0.73 12.89 15.76
CA GLU A 321 -0.27 13.95 15.64
C GLU A 321 -0.77 14.16 14.22
N LYS A 322 -0.06 13.63 13.24
CA LYS A 322 -0.48 13.76 11.85
C LYS A 322 -1.33 12.58 11.37
N GLY A 323 -1.38 11.52 12.18
CA GLY A 323 -2.17 10.36 11.83
C GLY A 323 -1.36 9.19 11.29
N ASP A 324 -0.04 9.37 11.25
CA ASP A 324 0.84 8.29 10.81
C ASP A 324 1.09 7.30 11.95
N PRO A 325 1.11 6.01 11.63
CA PRO A 325 1.28 4.99 12.66
C PRO A 325 2.72 4.87 13.13
N LYS A 326 2.87 4.50 14.39
CA LYS A 326 4.19 4.22 14.95
C LYS A 326 4.42 2.71 14.91
N LEU A 327 4.85 2.23 13.74
CA LEU A 327 5.04 0.80 13.50
CA LEU A 327 5.05 0.80 13.51
C LEU A 327 6.42 0.57 12.88
N PRO A 328 6.85 -0.70 12.82
CA PRO A 328 8.17 -0.97 12.23
C PRO A 328 8.31 -0.46 10.81
N GLY A 329 9.54 -0.08 10.45
CA GLY A 329 9.81 0.53 9.16
C GLY A 329 9.96 -0.43 7.99
N TYR A 330 10.32 0.13 6.85
CA TYR A 330 10.46 -0.63 5.62
C TYR A 330 11.70 -1.52 5.62
N VAL A 331 11.56 -2.69 5.01
CA VAL A 331 12.67 -3.59 4.79
C VAL A 331 12.70 -4.00 3.32
N MET A 332 13.82 -4.54 2.88
CA MET A 332 13.95 -4.92 1.48
C MET A 332 13.62 -6.40 1.30
N TYR A 333 12.79 -6.69 0.29
CA TYR A 333 12.41 -8.04 -0.05
C TYR A 333 13.00 -8.42 -1.41
N GLU A 334 13.16 -9.72 -1.63
CA GLU A 334 13.61 -10.24 -2.93
C GLU A 334 12.62 -11.26 -3.44
N TRP A 335 12.40 -11.26 -4.74
CA TRP A 335 11.45 -12.19 -5.33
C TRP A 335 12.13 -13.53 -5.63
N LYS A 336 11.58 -14.58 -5.03
CA LYS A 336 12.14 -15.92 -5.13
C LYS A 336 10.98 -16.89 -5.00
N LYS A 337 11.20 -18.14 -5.38
CA LYS A 337 10.17 -19.16 -5.19
C LYS A 337 9.98 -19.46 -3.70
N GLY A 338 8.73 -19.37 -3.25
CA GLY A 338 8.41 -19.69 -1.87
C GLY A 338 8.22 -21.18 -1.70
N PRO A 339 7.93 -21.62 -0.47
CA PRO A 339 7.74 -23.05 -0.19
C PRO A 339 6.65 -23.69 -1.05
N ASP A 340 5.70 -22.88 -1.49
CA ASP A 340 4.59 -23.40 -2.32
C ASP A 340 4.91 -23.38 -3.81
N GLY A 341 6.16 -23.06 -4.15
CA GLY A 341 6.62 -23.12 -5.52
C GLY A 341 6.32 -21.91 -6.37
N LYS A 342 5.73 -20.89 -5.76
CA LYS A 342 5.40 -19.67 -6.49
C LYS A 342 6.39 -18.55 -6.17
N PHE A 343 6.70 -17.73 -7.17
CA PHE A 343 7.54 -16.57 -6.92
C PHE A 343 6.78 -15.59 -6.03
N THR A 344 7.46 -15.08 -5.02
CA THR A 344 6.86 -14.11 -4.12
C THR A 344 7.98 -13.33 -3.44
N TYR A 345 7.61 -12.27 -2.73
CA TYR A 345 8.59 -11.43 -2.05
C TYR A 345 8.95 -12.02 -0.69
N ILE A 346 10.24 -12.21 -0.46
CA ILE A 346 10.76 -12.77 0.78
C ILE A 346 11.80 -11.81 1.35
N GLN A 347 11.70 -11.51 2.64
CA GLN A 347 12.61 -10.53 3.22
C GLN A 347 14.04 -11.01 3.15
N GLN A 348 14.95 -10.10 2.82
CA GLN A 348 16.37 -10.42 2.78
C GLN A 348 16.99 -10.34 4.18
N ALA B . 1.39 2.95 -1.90
CA ALA B . 0.72 3.14 -3.18
C ALA B . 0.07 4.51 -3.25
O ALA B . -0.51 4.92 -4.27
CB ALA B . -0.32 2.04 -3.40
OXT ALA B . 0.13 5.26 -2.27
S SO4 C . 4.94 -17.32 -18.73
O1 SO4 C . 5.13 -16.06 -18.00
O2 SO4 C . 3.55 -17.74 -18.60
O3 SO4 C . 5.26 -17.11 -20.14
O4 SO4 C . 5.81 -18.34 -18.17
S SO4 D . 28.80 -5.53 -1.81
O1 SO4 D . 29.98 -6.16 -2.39
O2 SO4 D . 29.12 -4.93 -0.51
O3 SO4 D . 28.33 -4.49 -2.73
O4 SO4 D . 27.75 -6.54 -1.63
#